data_8XRG
#
_entry.id   8XRG
#
_cell.length_a   85.256
_cell.length_b   85.256
_cell.length_c   209.538
_cell.angle_alpha   90.00
_cell.angle_beta   90.00
_cell.angle_gamma   120.00
#
_symmetry.space_group_name_H-M   'P 61 2 2'
#
loop_
_entity.id
_entity.type
_entity.pdbx_description
1 polymer 'DNA topoisomerase 2'
2 non-polymer "ADENOSINE-5'-DIPHOSPHATE"
3 non-polymer 'PHOSPHATE ION'
4 non-polymer 'MAGNESIUM ION'
5 water water
#
_entity_poly.entity_id   1
_entity_poly.type   'polypeptide(L)'
_entity_poly.pdbx_seq_one_letter_code
;MEAFEISDFKEHAKKKSMWAGALNKVTISGLMGVFTEDEDLMALPIHRDHCPALLKIFDELIVNATDHERACHSKTKKVT
YIKISFDKGVFSCENDGPGIPIAKHEQASLIAKRDVYVPEVASCFFLAGTNINKAKDCIKGGTNGVGLKLAMVHSQWAIL
TTADGAQKYVQQINQRLDIIEPPTITPSREMFTRIELMPVYQELGYAEPLSETEQADLSAWIYLRACQCAAYVGKGTTIY
YNDKPCRTGSVMALAKMYTLLSAPNSTIHTATIKADAKPYSLHPLQVAAVVSPKFKKFEHVSIINGVNCVKGEHVTFLKK
TINEMVIKKFQQTIKDKNRKTTLRDSCSNIFVVIVGSIPGIEWTGQRKDELSIAENVFKTHYSIPSSFLTSMTRSIVDIL
LQSISKKD
;
_entity_poly.pdbx_strand_id   A
#
loop_
_chem_comp.id
_chem_comp.type
_chem_comp.name
_chem_comp.formula
ADP non-polymer ADENOSINE-5'-DIPHOSPHATE 'C10 H15 N5 O10 P2'
MG non-polymer 'MAGNESIUM ION' 'Mg 2'
PO4 non-polymer 'PHOSPHATE ION' 'O4 P -3'
#
# COMPACT_ATOMS: atom_id res chain seq x y z
N GLU A 2 22.14 32.18 0.46
CA GLU A 2 23.08 32.28 1.57
C GLU A 2 24.19 31.26 1.40
N ALA A 3 24.49 30.54 2.48
CA ALA A 3 25.58 29.58 2.45
C ALA A 3 25.15 28.29 1.77
N PHE A 4 26.11 27.63 1.14
CA PHE A 4 25.88 26.29 0.61
C PHE A 4 26.05 25.31 1.75
N GLU A 5 24.97 24.62 2.10
CA GLU A 5 25.00 23.67 3.19
C GLU A 5 24.95 22.25 2.64
N ILE A 6 25.56 21.33 3.36
CA ILE A 6 25.58 19.91 3.00
C ILE A 6 24.83 19.16 4.10
N SER A 7 23.75 18.49 3.73
CA SER A 7 22.92 17.77 4.69
C SER A 7 23.32 16.30 4.76
N ASP A 8 22.85 15.62 5.79
CA ASP A 8 22.87 14.16 5.83
C ASP A 8 21.44 13.66 5.65
N PHE A 9 21.30 12.35 5.44
CA PHE A 9 19.98 11.78 5.17
C PHE A 9 18.98 12.12 6.26
N LYS A 10 19.40 11.95 7.52
CA LYS A 10 18.45 12.08 8.62
C LYS A 10 17.89 13.48 8.67
N GLU A 11 18.77 14.47 8.63
CA GLU A 11 18.31 15.84 8.72
C GLU A 11 17.48 16.21 7.49
N HIS A 12 17.89 15.73 6.32
CA HIS A 12 17.15 16.02 5.09
C HIS A 12 15.73 15.46 5.15
N ALA A 13 15.59 14.22 5.63
CA ALA A 13 14.28 13.58 5.70
C ALA A 13 13.35 14.25 6.69
N LYS A 14 13.89 14.92 7.70
CA LYS A 14 13.02 15.60 8.65
C LYS A 14 12.52 16.93 8.10
N LYS A 15 13.08 17.40 6.97
CA LYS A 15 12.79 18.72 6.45
C LYS A 15 12.17 18.73 5.07
N LYS A 16 12.28 17.65 4.28
CA LYS A 16 12.00 17.74 2.86
C LYS A 16 10.85 16.82 2.49
N SER A 17 9.88 17.35 1.73
CA SER A 17 8.69 16.59 1.39
C SER A 17 8.97 15.53 0.32
N MET A 18 10.14 15.51 -0.31
CA MET A 18 10.33 14.56 -1.42
C MET A 18 10.29 13.11 -0.98
N TRP A 19 10.58 12.83 0.30
CA TRP A 19 10.74 11.44 0.75
C TRP A 19 9.42 10.74 1.00
N ALA A 20 8.49 11.43 1.66
CA ALA A 20 7.25 10.80 2.08
C ALA A 20 6.05 11.71 1.86
N GLY A 21 6.24 12.86 1.25
CA GLY A 21 5.17 13.83 1.16
C GLY A 21 5.32 14.90 2.24
N ALA A 22 4.31 15.78 2.26
CA ALA A 22 4.34 16.93 3.18
C ALA A 22 4.51 16.48 4.62
N LEU A 23 5.23 17.29 5.38
CA LEU A 23 5.56 17.02 6.78
C LEU A 23 4.69 17.83 7.73
N ASN A 24 3.54 18.30 7.24
CA ASN A 24 2.54 19.05 8.00
C ASN A 24 1.19 18.62 7.47
N LYS A 25 0.10 19.06 8.11
CA LYS A 25 -1.23 18.71 7.61
C LYS A 25 -1.56 19.48 6.35
N VAL A 26 -2.04 18.77 5.33
CA VAL A 26 -2.48 19.38 4.06
C VAL A 26 -3.76 18.69 3.64
N THR A 27 -4.39 19.20 2.59
CA THR A 27 -5.62 18.58 2.11
C THR A 27 -5.23 17.44 1.19
N ILE A 28 -5.66 16.24 1.53
CA ILE A 28 -5.29 15.05 0.76
C ILE A 28 -6.50 14.65 -0.08
N SER A 29 -6.33 14.70 -1.40
CA SER A 29 -7.44 14.40 -2.30
C SER A 29 -7.81 12.91 -2.18
N GLY A 30 -9.10 12.65 -2.00
CA GLY A 30 -9.57 11.26 -1.95
C GLY A 30 -9.21 10.52 -0.67
N LEU A 31 -8.87 11.23 0.39
CA LEU A 31 -8.58 10.58 1.68
C LEU A 31 -9.81 9.85 2.18
N MET A 32 -9.66 8.57 2.51
CA MET A 32 -10.76 7.72 2.97
C MET A 32 -10.37 6.90 4.21
N GLY A 33 -11.39 6.50 4.96
CA GLY A 33 -11.19 5.57 6.06
C GLY A 33 -12.37 4.62 6.19
N VAL A 34 -12.16 3.55 6.94
CA VAL A 34 -13.22 2.57 7.19
C VAL A 34 -13.84 2.87 8.53
N PHE A 35 -15.18 2.88 8.53
CA PHE A 35 -16.01 3.09 9.70
C PHE A 35 -17.02 1.94 9.77
N THR A 36 -17.32 1.48 10.98
CA THR A 36 -18.22 0.34 11.11
C THR A 36 -19.62 0.80 11.48
N ASP A 40 -21.30 -4.18 9.25
CA ASP A 40 -21.11 -3.48 7.97
C ASP A 40 -19.85 -2.62 7.98
N LEU A 41 -18.97 -2.84 7.01
CA LEU A 41 -17.80 -1.98 6.81
C LEU A 41 -18.13 -0.99 5.73
N MET A 42 -17.87 0.29 5.98
CA MET A 42 -18.21 1.31 5.01
C MET A 42 -17.05 2.29 4.89
N ALA A 43 -16.51 2.44 3.68
CA ALA A 43 -15.44 3.40 3.43
C ALA A 43 -16.05 4.77 3.20
N LEU A 44 -15.55 5.77 3.93
CA LEU A 44 -16.14 7.11 3.89
C LEU A 44 -15.03 8.14 3.77
N PRO A 45 -15.30 9.28 3.13
CA PRO A 45 -14.27 10.32 3.02
C PRO A 45 -13.93 10.89 4.38
N ILE A 46 -12.67 11.29 4.54
CA ILE A 46 -12.19 12.00 5.71
C ILE A 46 -11.96 13.43 5.24
N HIS A 47 -12.87 14.33 5.57
CA HIS A 47 -12.80 15.74 5.10
C HIS A 47 -12.08 16.64 6.09
N ARG A 48 -10.90 16.20 6.50
CA ARG A 48 -10.04 16.97 7.37
C ARG A 48 -8.62 16.82 6.84
N ASP A 49 -7.82 17.87 7.02
CA ASP A 49 -6.43 17.80 6.59
C ASP A 49 -5.63 16.84 7.47
N HIS A 50 -4.64 16.18 6.84
CA HIS A 50 -3.81 15.19 7.51
C HIS A 50 -2.40 15.26 6.93
N CYS A 51 -1.44 14.69 7.67
CA CYS A 51 -0.05 14.75 7.25
C CYS A 51 0.29 13.57 6.34
N PRO A 52 0.58 13.80 5.05
CA PRO A 52 0.92 12.66 4.19
C PRO A 52 2.11 11.83 4.66
N ALA A 53 3.16 12.47 5.20
CA ALA A 53 4.33 11.71 5.63
C ALA A 53 3.97 10.74 6.75
N LEU A 54 3.07 11.16 7.65
CA LEU A 54 2.65 10.30 8.75
C LEU A 54 1.94 9.05 8.21
N LEU A 55 0.97 9.26 7.31
CA LEU A 55 0.29 8.11 6.69
C LEU A 55 1.28 7.27 5.90
N LYS A 56 2.30 7.89 5.30
CA LYS A 56 3.28 7.13 4.54
C LYS A 56 4.12 6.24 5.43
N ILE A 57 4.46 6.65 6.66
CA ILE A 57 5.27 5.71 7.41
C ILE A 57 4.48 4.49 7.83
N PHE A 58 3.18 4.63 8.09
CA PHE A 58 2.33 3.45 8.29
C PHE A 58 2.34 2.58 7.04
N ASP A 59 2.17 3.20 5.88
CA ASP A 59 2.20 2.50 4.59
C ASP A 59 3.51 1.75 4.37
N GLU A 60 4.65 2.39 4.68
CA GLU A 60 5.94 1.74 4.43
C GLU A 60 6.08 0.44 5.22
N LEU A 61 5.58 0.41 6.46
CA LEU A 61 5.64 -0.84 7.21
C LEU A 61 4.68 -1.87 6.63
N ILE A 62 3.47 -1.43 6.27
CA ILE A 62 2.49 -2.37 5.71
C ILE A 62 2.98 -2.96 4.39
N VAL A 63 3.57 -2.15 3.51
CA VAL A 63 4.05 -2.69 2.23
C VAL A 63 5.25 -3.59 2.46
N ASN A 64 6.10 -3.30 3.44
CA ASN A 64 7.20 -4.21 3.74
C ASN A 64 6.69 -5.59 4.12
N ALA A 65 5.60 -5.64 4.88
CA ALA A 65 5.04 -6.92 5.30
C ALA A 65 4.39 -7.64 4.13
N THR A 66 3.69 -6.87 3.29
CA THR A 66 3.09 -7.43 2.07
C THR A 66 4.18 -7.95 1.13
N ASP A 67 5.29 -7.22 1.01
CA ASP A 67 6.43 -7.71 0.20
C ASP A 67 6.97 -9.03 0.71
N HIS A 68 7.08 -9.17 2.02
CA HIS A 68 7.59 -10.42 2.56
C HIS A 68 6.59 -11.54 2.29
N GLU A 69 5.29 -11.23 2.33
CA GLU A 69 4.27 -12.21 1.98
C GLU A 69 4.44 -12.70 0.56
N ARG A 70 4.62 -11.79 -0.40
CA ARG A 70 4.85 -12.22 -1.78
C ARG A 70 6.16 -12.99 -1.92
N ALA A 71 7.20 -12.59 -1.19
CA ALA A 71 8.49 -13.26 -1.33
C ALA A 71 8.44 -14.70 -0.85
N CYS A 72 7.57 -14.99 0.12
CA CYS A 72 7.54 -16.27 0.80
C CYS A 72 6.40 -17.18 0.33
N HIS A 73 5.55 -16.71 -0.58
CA HIS A 73 4.32 -17.44 -0.86
C HIS A 73 4.57 -18.75 -1.61
N SER A 74 5.81 -19.05 -1.98
CA SER A 74 6.16 -20.32 -2.58
C SER A 74 7.14 -21.15 -1.76
N LYS A 75 7.69 -20.60 -0.67
CA LYS A 75 8.72 -21.28 0.10
C LYS A 75 8.11 -22.25 1.10
N THR A 76 8.97 -22.93 1.86
CA THR A 76 8.52 -23.82 2.93
C THR A 76 7.78 -23.02 4.00
N LYS A 77 8.46 -22.08 4.64
CA LYS A 77 7.85 -21.21 5.63
C LYS A 77 7.29 -19.97 4.93
N LYS A 78 5.97 -19.88 4.87
CA LYS A 78 5.29 -18.74 4.27
C LYS A 78 4.93 -17.73 5.35
N VAL A 79 4.46 -16.56 4.92
CA VAL A 79 3.88 -15.59 5.83
C VAL A 79 2.41 -15.94 5.99
N THR A 80 1.99 -16.28 7.21
CA THR A 80 0.59 -16.58 7.41
C THR A 80 -0.22 -15.45 8.02
N TYR A 81 0.42 -14.42 8.57
CA TYR A 81 -0.38 -13.33 9.14
C TYR A 81 0.40 -12.04 9.03
N ILE A 82 -0.33 -10.95 8.87
CA ILE A 82 0.18 -9.60 9.10
C ILE A 82 -0.74 -8.98 10.14
N LYS A 83 -0.17 -8.58 11.28
CA LYS A 83 -0.93 -8.02 12.40
C LYS A 83 -0.55 -6.55 12.55
N ILE A 84 -1.53 -5.68 12.37
CA ILE A 84 -1.34 -4.23 12.43
C ILE A 84 -2.07 -3.75 13.67
N SER A 85 -1.39 -2.92 14.46
CA SER A 85 -1.97 -2.40 15.73
C SER A 85 -1.84 -0.88 15.81
N PHE A 86 -2.83 -0.23 16.39
CA PHE A 86 -2.77 1.23 16.59
C PHE A 86 -3.55 1.55 17.86
N ASP A 87 -2.83 1.98 18.91
CA ASP A 87 -3.46 2.26 20.21
C ASP A 87 -2.55 3.19 21.00
N LYS A 88 -3.15 4.22 21.63
CA LYS A 88 -2.39 5.19 22.42
C LYS A 88 -1.28 5.83 21.59
N GLY A 89 -1.53 5.93 20.28
CA GLY A 89 -0.57 6.52 19.36
C GLY A 89 0.51 5.57 18.89
N VAL A 90 0.62 4.40 19.50
CA VAL A 90 1.66 3.44 19.13
C VAL A 90 1.17 2.66 17.93
N PHE A 91 2.01 2.56 16.90
CA PHE A 91 1.69 1.79 15.71
C PHE A 91 2.62 0.58 15.65
N SER A 92 2.07 -0.59 15.35
CA SER A 92 2.97 -1.72 15.13
C SER A 92 2.50 -2.56 13.97
N CYS A 93 3.48 -3.26 13.37
CA CYS A 93 3.23 -4.20 12.29
C CYS A 93 4.09 -5.42 12.52
N GLU A 94 3.47 -6.59 12.54
CA GLU A 94 4.16 -7.85 12.79
C GLU A 94 3.76 -8.86 11.73
N ASN A 95 4.75 -9.57 11.19
CA ASN A 95 4.45 -10.70 10.30
C ASN A 95 5.30 -11.90 10.69
N ASP A 96 4.79 -13.09 10.40
CA ASP A 96 5.66 -14.24 10.56
C ASP A 96 6.40 -14.54 9.26
N GLY A 97 6.82 -15.77 9.04
CA GLY A 97 7.74 -16.05 7.98
C GLY A 97 9.16 -15.79 8.44
N PRO A 98 10.14 -16.17 7.62
CA PRO A 98 11.55 -16.02 8.03
C PRO A 98 11.87 -14.62 8.52
N GLY A 99 12.59 -14.53 9.62
CA GLY A 99 12.99 -13.25 10.15
C GLY A 99 14.11 -12.63 9.33
N ILE A 100 14.33 -11.34 9.56
CA ILE A 100 15.54 -10.71 9.04
C ILE A 100 16.77 -11.43 9.60
N PRO A 101 17.74 -11.81 8.79
CA PRO A 101 18.85 -12.63 9.29
C PRO A 101 19.59 -11.98 10.45
N ILE A 102 19.86 -12.76 11.49
CA ILE A 102 20.55 -12.26 12.67
C ILE A 102 22.02 -12.62 12.49
N ALA A 103 22.76 -11.70 11.87
CA ALA A 103 24.14 -11.95 11.48
C ALA A 103 24.85 -10.62 11.29
N LYS A 104 26.15 -10.63 11.50
CA LYS A 104 26.96 -9.45 11.27
C LYS A 104 27.00 -9.12 9.78
N HIS A 105 26.85 -7.85 9.48
CA HIS A 105 26.95 -7.33 8.12
C HIS A 105 28.35 -6.73 7.97
N GLU A 106 29.21 -7.41 7.19
CA GLU A 106 30.62 -7.02 7.13
C GLU A 106 30.79 -5.60 6.60
N GLN A 107 30.12 -5.28 5.48
CA GLN A 107 30.26 -3.96 4.87
C GLN A 107 29.78 -2.86 5.81
N ALA A 108 28.61 -3.04 6.42
CA ALA A 108 28.09 -2.01 7.33
C ALA A 108 28.97 -1.84 8.55
N SER A 109 29.53 -2.93 9.07
CA SER A 109 30.39 -2.85 10.24
C SER A 109 31.65 -2.04 9.96
N LEU A 110 32.21 -2.18 8.76
CA LEU A 110 33.38 -1.39 8.40
C LEU A 110 33.00 0.09 8.22
N ILE A 111 31.84 0.37 7.65
CA ILE A 111 31.41 1.75 7.46
C ILE A 111 31.20 2.43 8.81
N ALA A 112 30.58 1.73 9.75
CA ALA A 112 30.25 2.30 11.05
C ALA A 112 31.34 2.11 12.10
N LYS A 113 32.41 1.38 11.76
CA LYS A 113 33.54 1.16 12.67
C LYS A 113 33.08 0.52 13.98
N ARG A 114 32.10 -0.38 13.88
CA ARG A 114 31.61 -1.16 15.02
C ARG A 114 30.83 -2.34 14.48
N ASP A 115 30.38 -3.21 15.38
CA ASP A 115 29.57 -4.36 14.98
C ASP A 115 28.17 -3.91 14.58
N VAL A 116 27.78 -4.19 13.35
CA VAL A 116 26.43 -3.88 12.86
C VAL A 116 25.85 -5.18 12.34
N TYR A 117 24.71 -5.57 12.87
CA TYR A 117 24.01 -6.75 12.37
C TYR A 117 23.03 -6.35 11.27
N VAL A 118 22.65 -7.34 10.46
CA VAL A 118 21.77 -7.11 9.31
C VAL A 118 20.51 -6.32 9.67
N PRO A 119 19.80 -6.62 10.77
CA PRO A 119 18.56 -5.87 11.03
C PRO A 119 18.79 -4.40 11.29
N GLU A 120 19.98 -4.04 11.79
CA GLU A 120 20.32 -2.63 11.92
C GLU A 120 20.55 -1.98 10.55
N VAL A 121 21.18 -2.70 9.62
CA VAL A 121 21.24 -2.19 8.23
C VAL A 121 19.84 -1.95 7.68
N ALA A 122 18.94 -2.92 7.87
CA ALA A 122 17.58 -2.80 7.33
C ALA A 122 16.85 -1.58 7.88
N SER A 123 17.11 -1.22 9.13
CA SER A 123 16.31 -0.17 9.77
C SER A 123 17.00 1.17 9.88
N CYS A 124 18.34 1.22 9.76
CA CYS A 124 19.09 2.43 10.13
C CYS A 124 19.97 2.97 9.02
N PHE A 125 20.26 2.20 7.97
CA PHE A 125 21.13 2.60 6.88
C PHE A 125 20.27 3.00 5.68
N PHE A 126 20.37 4.26 5.27
CA PHE A 126 19.61 4.70 4.11
C PHE A 126 20.18 4.08 2.83
N LEU A 127 19.28 3.87 1.86
CA LEU A 127 19.62 3.26 0.56
C LEU A 127 20.12 1.83 0.75
N ALA A 128 19.45 1.08 1.63
CA ALA A 128 19.91 -0.26 1.95
C ALA A 128 18.74 -1.22 2.07
N GLY A 129 18.91 -2.41 1.53
CA GLY A 129 17.84 -3.41 1.61
C GLY A 129 18.13 -4.53 0.62
N THR A 130 17.16 -5.43 0.49
CA THR A 130 17.30 -6.56 -0.44
C THR A 130 16.74 -6.28 -1.83
N ASN A 131 16.26 -5.05 -2.09
CA ASN A 131 15.71 -4.68 -3.38
C ASN A 131 16.52 -3.59 -4.08
N ILE A 132 17.74 -3.30 -3.59
CA ILE A 132 18.58 -2.32 -4.27
C ILE A 132 18.90 -2.79 -5.67
N ASN A 133 19.30 -4.04 -5.80
CA ASN A 133 19.33 -4.71 -7.08
C ASN A 133 18.05 -5.53 -7.15
N LYS A 134 17.17 -5.10 -8.03
CA LYS A 134 15.79 -5.55 -8.14
C LYS A 134 15.60 -6.13 -9.53
N ALA A 135 15.13 -7.37 -9.58
CA ALA A 135 14.89 -8.02 -10.87
C ALA A 135 13.84 -7.26 -11.67
N LYS A 136 13.97 -7.37 -13.01
CA LYS A 136 13.07 -6.68 -13.93
C LYS A 136 11.63 -7.15 -13.80
N ASP A 137 11.40 -8.34 -13.26
CA ASP A 137 10.06 -8.90 -13.12
C ASP A 137 9.59 -8.93 -11.67
N CYS A 138 10.31 -8.30 -10.76
CA CYS A 138 9.93 -8.32 -9.37
C CYS A 138 8.63 -7.56 -9.19
N ILE A 139 7.73 -8.09 -8.35
CA ILE A 139 6.47 -7.41 -8.08
C ILE A 139 6.35 -6.96 -6.63
N LYS A 140 7.45 -7.03 -5.88
CA LYS A 140 7.44 -6.39 -4.57
C LYS A 140 7.29 -4.88 -4.76
N GLY A 141 6.66 -4.21 -3.78
CA GLY A 141 6.60 -2.76 -3.84
C GLY A 141 7.91 -2.10 -3.43
N GLY A 142 8.65 -2.73 -2.53
CA GLY A 142 9.90 -2.16 -2.07
C GLY A 142 10.92 -2.06 -3.20
N THR A 143 11.68 -0.96 -3.18
CA THR A 143 12.72 -0.78 -4.16
C THR A 143 13.82 0.12 -3.65
N ASN A 144 13.48 1.17 -2.89
CA ASN A 144 14.47 2.22 -2.66
C ASN A 144 15.41 1.96 -1.49
N GLY A 145 15.10 1.02 -0.62
CA GLY A 145 15.89 0.88 0.60
C GLY A 145 15.83 2.07 1.52
N VAL A 146 14.70 2.78 1.56
CA VAL A 146 14.58 3.90 2.50
C VAL A 146 13.33 3.81 3.36
N GLY A 147 12.33 2.99 3.01
CA GLY A 147 11.03 3.10 3.67
C GLY A 147 11.08 2.88 5.17
N LEU A 148 11.81 1.86 5.61
CA LEU A 148 11.87 1.59 7.05
C LEU A 148 12.66 2.67 7.76
N LYS A 149 13.66 3.24 7.08
CA LYS A 149 14.44 4.32 7.70
C LYS A 149 13.59 5.56 7.89
N LEU A 150 12.73 5.86 6.91
CA LEU A 150 11.81 6.99 7.07
C LEU A 150 10.88 6.77 8.26
N ALA A 151 10.38 5.55 8.46
CA ALA A 151 9.58 5.28 9.64
C ALA A 151 10.36 5.58 10.92
N MET A 152 11.65 5.17 10.98
CA MET A 152 12.45 5.46 12.17
C MET A 152 12.70 6.95 12.32
N VAL A 153 12.98 7.65 11.22
CA VAL A 153 13.30 9.06 11.34
C VAL A 153 12.09 9.88 11.79
N HIS A 154 10.87 9.37 11.60
CA HIS A 154 9.69 10.07 12.07
C HIS A 154 9.10 9.48 13.35
N SER A 155 9.93 8.76 14.11
CA SER A 155 9.53 8.13 15.36
C SER A 155 10.29 8.71 16.55
N GLN A 156 9.55 9.01 17.61
CA GLN A 156 10.17 9.36 18.89
C GLN A 156 10.88 8.17 19.52
N TRP A 157 10.33 6.98 19.35
CA TRP A 157 10.99 5.75 19.73
C TRP A 157 10.47 4.66 18.82
N ALA A 158 11.30 3.64 18.62
CA ALA A 158 10.90 2.50 17.83
C ALA A 158 11.62 1.29 18.37
N ILE A 159 11.02 0.12 18.19
CA ILE A 159 11.62 -1.14 18.57
C ILE A 159 11.52 -2.07 17.38
N LEU A 160 12.66 -2.57 16.92
CA LEU A 160 12.67 -3.64 15.94
C LEU A 160 12.91 -4.96 16.67
N THR A 161 12.04 -5.93 16.42
CA THR A 161 12.18 -7.29 16.96
C THR A 161 12.12 -8.28 15.81
N THR A 162 13.09 -9.19 15.74
CA THR A 162 13.01 -10.22 14.74
C THR A 162 13.59 -11.50 15.32
N ALA A 163 13.02 -12.62 14.90
CA ALA A 163 13.48 -13.93 15.36
C ALA A 163 13.58 -14.83 14.14
N ASP A 164 14.58 -15.71 14.14
CA ASP A 164 14.85 -16.54 12.98
C ASP A 164 14.70 -18.02 13.26
N GLY A 165 14.06 -18.40 14.38
CA GLY A 165 13.90 -19.79 14.76
C GLY A 165 14.97 -20.32 15.68
N ALA A 166 16.13 -19.65 15.75
CA ALA A 166 17.19 -19.99 16.68
C ALA A 166 17.53 -18.85 17.63
N GLN A 167 17.24 -17.60 17.26
CA GLN A 167 17.66 -16.45 18.03
C GLN A 167 16.62 -15.36 17.87
N LYS A 168 16.54 -14.48 18.87
CA LYS A 168 15.68 -13.31 18.82
C LYS A 168 16.56 -12.08 18.95
N TYR A 169 16.22 -11.03 18.20
CA TYR A 169 17.02 -9.82 18.12
C TYR A 169 16.09 -8.65 18.43
N VAL A 170 16.43 -7.86 19.45
CA VAL A 170 15.64 -6.70 19.83
C VAL A 170 16.53 -5.47 19.79
N GLN A 171 16.07 -4.40 19.12
CA GLN A 171 16.88 -3.19 19.06
C GLN A 171 16.00 -1.96 19.17
N GLN A 172 16.37 -1.05 20.07
CA GLN A 172 15.72 0.25 20.17
C GLN A 172 16.39 1.26 19.27
N ILE A 173 15.56 2.05 18.58
CA ILE A 173 16.03 3.09 17.64
C ILE A 173 15.22 4.32 17.99
N ASN A 174 15.85 5.29 18.65
CA ASN A 174 15.12 6.36 19.33
C ASN A 174 15.49 7.75 18.80
N GLN A 175 14.62 8.71 19.11
CA GLN A 175 14.83 10.12 18.82
C GLN A 175 15.16 10.37 17.36
N ARG A 176 14.24 9.92 16.48
CA ARG A 176 14.31 10.20 15.05
C ARG A 176 15.63 9.72 14.46
N LEU A 177 16.02 8.49 14.83
CA LEU A 177 17.23 7.80 14.37
C LEU A 177 18.51 8.38 14.93
N ASP A 178 18.43 9.32 15.88
CA ASP A 178 19.65 9.88 16.48
C ASP A 178 20.33 8.89 17.42
N ILE A 179 19.58 7.99 18.04
CA ILE A 179 20.11 7.06 19.03
C ILE A 179 19.82 5.63 18.60
N ILE A 180 20.85 4.91 18.25
CA ILE A 180 20.73 3.50 17.91
C ILE A 180 21.32 2.74 19.09
N GLU A 181 20.46 2.07 19.88
CA GLU A 181 20.98 1.30 21.01
C GLU A 181 21.51 -0.04 20.53
N PRO A 182 22.54 -0.57 21.18
CA PRO A 182 23.02 -1.92 20.81
C PRO A 182 21.93 -2.95 20.98
N PRO A 183 21.87 -3.95 20.11
CA PRO A 183 20.77 -4.92 20.18
C PRO A 183 20.96 -5.92 21.30
N THR A 184 19.85 -6.52 21.69
CA THR A 184 19.86 -7.65 22.62
C THR A 184 19.54 -8.91 21.84
N ILE A 185 20.39 -9.93 21.99
CA ILE A 185 20.28 -11.16 21.21
C ILE A 185 20.21 -12.33 22.19
N THR A 186 19.15 -13.13 22.09
CA THR A 186 18.91 -14.25 22.97
C THR A 186 18.50 -15.46 22.17
N PRO A 187 18.58 -16.67 22.74
CA PRO A 187 18.02 -17.84 22.05
C PRO A 187 16.51 -17.80 22.03
N SER A 188 15.93 -18.30 20.95
CA SER A 188 14.49 -18.28 20.75
C SER A 188 14.10 -19.32 19.70
N ARG A 189 12.87 -19.82 19.80
CA ARG A 189 12.32 -20.70 18.79
C ARG A 189 11.25 -20.03 17.93
N GLU A 190 10.97 -18.76 18.17
CA GLU A 190 9.98 -18.01 17.39
C GLU A 190 10.58 -17.56 16.06
N MET A 191 9.71 -17.14 15.16
CA MET A 191 10.13 -16.69 13.83
C MET A 191 9.15 -15.64 13.35
N PHE A 192 9.59 -14.38 13.31
CA PHE A 192 8.70 -13.27 12.98
C PHE A 192 9.54 -12.01 12.84
N THR A 193 8.90 -10.96 12.33
CA THR A 193 9.48 -9.61 12.33
C THR A 193 8.42 -8.65 12.82
N ARG A 194 8.78 -7.78 13.76
N ARG A 194 8.81 -7.78 13.74
CA ARG A 194 7.85 -6.82 14.33
CA ARG A 194 7.85 -6.82 14.33
C ARG A 194 8.53 -5.45 14.37
C ARG A 194 8.47 -5.43 14.47
N ILE A 195 7.83 -4.41 13.90
CA ILE A 195 8.24 -3.03 14.12
C ILE A 195 7.18 -2.36 14.97
N GLU A 196 7.60 -1.64 16.02
CA GLU A 196 6.67 -0.94 16.90
C GLU A 196 7.21 0.46 17.05
N LEU A 197 6.37 1.48 16.92
CA LEU A 197 6.91 2.84 17.00
C LEU A 197 5.87 3.84 17.45
N MET A 198 6.36 4.97 17.97
CA MET A 198 5.55 6.13 18.29
C MET A 198 5.95 7.29 17.40
N PRO A 199 5.11 7.69 16.43
CA PRO A 199 5.44 8.80 15.56
C PRO A 199 5.61 10.11 16.32
N VAL A 200 6.33 11.04 15.68
CA VAL A 200 6.48 12.39 16.21
C VAL A 200 5.28 13.24 15.83
N TYR A 201 4.12 12.91 16.41
CA TYR A 201 2.85 13.49 15.98
C TYR A 201 2.87 15.01 16.08
N GLN A 202 3.37 15.54 17.18
CA GLN A 202 3.35 16.98 17.36
C GLN A 202 4.17 17.71 16.31
N GLU A 203 5.33 17.15 15.93
CA GLU A 203 6.15 17.78 14.89
C GLU A 203 5.44 17.75 13.53
N LEU A 204 4.57 16.77 13.33
CA LEU A 204 3.85 16.62 12.06
C LEU A 204 2.50 17.32 12.05
N GLY A 205 2.19 18.10 13.09
CA GLY A 205 0.99 18.92 13.08
C GLY A 205 -0.16 18.43 13.94
N TYR A 206 -0.01 17.34 14.71
CA TYR A 206 -1.09 16.75 15.50
C TYR A 206 -0.95 17.18 16.95
N ALA A 207 -2.00 16.91 17.71
CA ALA A 207 -1.95 17.14 19.14
C ALA A 207 -1.11 16.07 19.84
N GLU A 208 -0.62 16.44 21.02
CA GLU A 208 0.04 15.51 21.95
C GLU A 208 -0.75 15.40 23.24
N PRO A 209 -1.49 14.29 23.45
CA PRO A 209 -1.63 13.14 22.56
C PRO A 209 -2.65 13.44 21.45
N LEU A 210 -2.90 12.46 20.57
CA LEU A 210 -3.88 12.66 19.51
C LEU A 210 -5.23 13.10 20.07
N SER A 211 -5.86 14.08 19.41
CA SER A 211 -7.22 14.44 19.77
C SER A 211 -8.17 13.31 19.42
N GLU A 212 -9.40 13.37 19.97
CA GLU A 212 -10.40 12.33 19.68
C GLU A 212 -10.63 12.20 18.18
N THR A 213 -10.74 13.33 17.47
CA THR A 213 -10.99 13.27 16.03
C THR A 213 -9.76 12.80 15.26
N GLU A 214 -8.57 13.28 15.64
CA GLU A 214 -7.35 12.79 14.99
C GLU A 214 -7.22 11.28 15.16
N GLN A 215 -7.40 10.79 16.40
CA GLN A 215 -7.32 9.35 16.65
C GLN A 215 -8.33 8.57 15.81
N ALA A 216 -9.57 9.04 15.73
CA ALA A 216 -10.58 8.30 14.97
C ALA A 216 -10.27 8.31 13.47
N ASP A 217 -9.80 9.45 12.96
CA ASP A 217 -9.44 9.54 11.53
C ASP A 217 -8.29 8.60 11.21
N LEU A 218 -7.21 8.64 12.00
CA LEU A 218 -6.05 7.80 11.71
C LEU A 218 -6.39 6.32 11.82
N SER A 219 -7.16 5.94 12.83
CA SER A 219 -7.55 4.55 13.00
C SER A 219 -8.38 4.08 11.80
N ALA A 220 -9.33 4.92 11.35
CA ALA A 220 -10.13 4.63 10.17
C ALA A 220 -9.26 4.46 8.93
N TRP A 221 -8.28 5.34 8.74
CA TRP A 221 -7.42 5.24 7.57
C TRP A 221 -6.59 3.95 7.62
N ILE A 222 -6.02 3.64 8.79
CA ILE A 222 -5.23 2.41 8.89
C ILE A 222 -6.09 1.18 8.66
N TYR A 223 -7.32 1.17 9.20
CA TYR A 223 -8.21 0.04 8.99
C TYR A 223 -8.48 -0.17 7.50
N LEU A 224 -8.75 0.91 6.77
CA LEU A 224 -8.97 0.77 5.33
C LEU A 224 -7.71 0.29 4.62
N ARG A 225 -6.54 0.81 4.99
CA ARG A 225 -5.30 0.34 4.39
C ARG A 225 -5.07 -1.15 4.64
N ALA A 226 -5.37 -1.65 5.84
CA ALA A 226 -5.30 -3.07 6.12
C ALA A 226 -6.29 -3.87 5.27
N CYS A 227 -7.50 -3.32 5.06
CA CYS A 227 -8.47 -3.99 4.21
C CYS A 227 -8.00 -4.07 2.78
N GLN A 228 -7.34 -3.03 2.30
CA GLN A 228 -6.77 -3.07 0.96
C GLN A 228 -5.67 -4.13 0.86
N CYS A 229 -4.81 -4.18 1.87
CA CYS A 229 -3.85 -5.28 2.01
C CYS A 229 -4.52 -6.64 1.89
N ALA A 230 -5.65 -6.83 2.56
CA ALA A 230 -6.27 -8.14 2.62
C ALA A 230 -6.76 -8.60 1.26
N ALA A 231 -7.15 -7.66 0.41
CA ALA A 231 -7.55 -8.02 -0.95
C ALA A 231 -6.37 -8.41 -1.81
N TYR A 232 -5.18 -7.89 -1.50
CA TYR A 232 -3.98 -8.10 -2.32
C TYR A 232 -3.20 -9.36 -1.96
N VAL A 233 -3.08 -9.69 -0.65
CA VAL A 233 -2.22 -10.82 -0.27
C VAL A 233 -2.80 -12.15 -0.76
N GLY A 234 -1.93 -13.16 -0.73
CA GLY A 234 -2.28 -14.50 -1.17
C GLY A 234 -3.25 -15.22 -0.25
N LYS A 235 -3.62 -16.42 -0.69
CA LYS A 235 -4.74 -17.14 -0.09
C LYS A 235 -4.45 -17.61 1.33
N GLY A 236 -3.19 -17.78 1.70
CA GLY A 236 -2.85 -18.34 2.99
C GLY A 236 -2.49 -17.34 4.07
N THR A 237 -2.79 -16.06 3.83
CA THR A 237 -2.43 -14.98 4.74
C THR A 237 -3.67 -14.29 5.27
N THR A 238 -3.72 -14.06 6.59
CA THR A 238 -4.77 -13.27 7.22
C THR A 238 -4.17 -11.95 7.70
N ILE A 239 -4.90 -10.86 7.47
CA ILE A 239 -4.52 -9.51 7.95
C ILE A 239 -5.37 -9.21 9.17
N TYR A 240 -4.74 -8.68 10.22
CA TYR A 240 -5.46 -8.27 11.42
C TYR A 240 -5.22 -6.79 11.65
N TYR A 241 -6.25 -6.10 12.13
CA TYR A 241 -6.13 -4.72 12.63
C TYR A 241 -6.67 -4.68 14.05
N ASN A 242 -5.81 -4.33 15.01
CA ASN A 242 -6.15 -4.39 16.43
C ASN A 242 -6.83 -5.70 16.80
N ASP A 243 -6.23 -6.79 16.30
CA ASP A 243 -6.53 -8.20 16.57
C ASP A 243 -7.82 -8.66 15.93
N LYS A 244 -8.48 -7.85 15.15
CA LYS A 244 -9.63 -8.33 14.41
C LYS A 244 -9.22 -8.64 12.98
N PRO A 245 -9.66 -9.77 12.43
CA PRO A 245 -9.28 -10.08 11.05
C PRO A 245 -9.97 -9.13 10.09
N CYS A 246 -9.24 -8.76 9.04
CA CYS A 246 -9.80 -7.92 7.98
C CYS A 246 -10.30 -8.88 6.91
N ARG A 247 -11.61 -9.04 6.83
CA ARG A 247 -12.25 -10.08 6.02
C ARG A 247 -12.66 -9.57 4.65
N THR A 248 -11.84 -8.71 4.03
N THR A 248 -11.85 -8.70 4.04
CA THR A 248 -12.17 -8.16 2.72
CA THR A 248 -12.18 -8.16 2.73
C THR A 248 -11.24 -8.76 1.68
C THR A 248 -11.25 -8.75 1.67
N GLY A 249 -11.25 -10.07 1.55
CA GLY A 249 -10.27 -10.75 0.74
C GLY A 249 -10.50 -10.72 -0.76
N SER A 250 -11.51 -9.99 -1.26
CA SER A 250 -11.79 -9.96 -2.69
C SER A 250 -11.96 -8.53 -3.14
N VAL A 251 -11.72 -8.29 -4.44
CA VAL A 251 -12.07 -7.01 -5.02
C VAL A 251 -13.56 -6.74 -4.88
N MET A 252 -14.39 -7.78 -4.89
CA MET A 252 -15.83 -7.56 -4.73
C MET A 252 -16.14 -6.98 -3.35
N ALA A 253 -15.51 -7.51 -2.30
CA ALA A 253 -15.73 -6.97 -0.96
C ALA A 253 -15.23 -5.54 -0.83
N LEU A 254 -14.11 -5.23 -1.48
CA LEU A 254 -13.64 -3.84 -1.47
C LEU A 254 -14.62 -2.93 -2.20
N ALA A 255 -15.10 -3.38 -3.37
CA ALA A 255 -16.07 -2.55 -4.11
C ALA A 255 -17.33 -2.30 -3.30
N LYS A 256 -17.83 -3.34 -2.61
CA LYS A 256 -19.00 -3.16 -1.75
C LYS A 256 -18.75 -2.12 -0.67
N MET A 257 -17.59 -2.20 -0.01
CA MET A 257 -17.26 -1.29 1.09
C MET A 257 -17.24 0.16 0.63
N TYR A 258 -16.73 0.41 -0.57
CA TYR A 258 -16.66 1.78 -1.06
C TYR A 258 -18.00 2.31 -1.58
N THR A 259 -18.95 1.44 -1.90
CA THR A 259 -20.20 1.91 -2.50
C THR A 259 -21.40 1.67 -1.59
N LEU A 260 -21.18 1.22 -0.36
CA LEU A 260 -22.30 0.86 0.52
C LEU A 260 -23.17 2.07 0.86
N LEU A 261 -22.55 3.22 1.07
CA LEU A 261 -23.37 4.38 1.43
C LEU A 261 -24.05 4.96 0.19
N SER A 262 -23.33 5.05 -0.92
CA SER A 262 -23.82 5.81 -2.07
C SER A 262 -24.67 4.97 -3.03
N ALA A 263 -24.40 3.67 -3.14
CA ALA A 263 -25.15 2.80 -4.04
C ALA A 263 -25.32 1.44 -3.39
N PRO A 264 -26.13 1.35 -2.35
CA PRO A 264 -26.35 0.04 -1.72
C PRO A 264 -27.07 -0.88 -2.70
N ASN A 265 -26.87 -2.18 -2.49
CA ASN A 265 -27.50 -3.22 -3.31
C ASN A 265 -27.16 -3.05 -4.78
N SER A 266 -25.89 -2.77 -5.04
CA SER A 266 -25.46 -2.52 -6.39
C SER A 266 -25.04 -3.82 -7.07
N THR A 267 -25.10 -3.80 -8.36
CA THR A 267 -24.59 -4.87 -9.19
C THR A 267 -23.07 -4.69 -9.35
N ILE A 268 -22.31 -5.76 -9.15
CA ILE A 268 -20.85 -5.66 -9.21
C ILE A 268 -20.38 -6.44 -10.44
N HIS A 269 -19.84 -5.72 -11.42
CA HIS A 269 -19.31 -6.35 -12.62
C HIS A 269 -17.89 -6.82 -12.32
N THR A 270 -17.58 -8.10 -12.60
CA THR A 270 -16.25 -8.59 -12.25
C THR A 270 -15.51 -9.06 -13.49
N ALA A 271 -14.19 -9.03 -13.40
CA ALA A 271 -13.35 -9.55 -14.46
C ALA A 271 -11.99 -9.93 -13.90
N THR A 272 -11.37 -10.92 -14.52
CA THR A 272 -9.96 -11.21 -14.29
C THR A 272 -9.26 -10.87 -15.59
N ILE A 273 -8.41 -9.84 -15.56
CA ILE A 273 -7.67 -9.39 -16.73
C ILE A 273 -6.38 -10.20 -16.81
N LYS A 274 -6.22 -10.97 -17.89
CA LYS A 274 -5.15 -11.95 -18.00
C LYS A 274 -4.26 -11.66 -19.20
N ALA A 275 -3.03 -12.15 -19.09
CA ALA A 275 -2.04 -12.03 -20.16
C ALA A 275 -1.58 -13.43 -20.55
N ASP A 276 -1.13 -13.58 -21.80
CA ASP A 276 -0.71 -14.88 -22.30
C ASP A 276 0.76 -15.20 -22.05
N ALA A 277 1.65 -14.19 -22.03
CA ALA A 277 3.09 -14.38 -21.95
C ALA A 277 3.61 -14.09 -20.55
N LYS A 278 4.57 -14.89 -20.07
CA LYS A 278 5.29 -14.51 -18.87
C LYS A 278 6.11 -13.25 -19.14
N PRO A 279 6.35 -12.43 -18.10
CA PRO A 279 5.95 -12.63 -16.70
C PRO A 279 4.50 -12.22 -16.43
N TYR A 280 3.88 -11.53 -17.39
CA TYR A 280 2.54 -10.97 -17.15
C TYR A 280 1.53 -12.05 -16.85
N SER A 281 1.66 -13.20 -17.51
CA SER A 281 0.72 -14.30 -17.29
C SER A 281 0.78 -14.87 -15.88
N LEU A 282 1.81 -14.55 -15.10
CA LEU A 282 1.87 -15.04 -13.73
C LEU A 282 0.98 -14.25 -12.81
N HIS A 283 0.43 -13.13 -13.31
CA HIS A 283 -0.09 -12.05 -12.47
C HIS A 283 -1.43 -11.58 -12.99
N PRO A 284 -2.51 -12.31 -12.72
CA PRO A 284 -3.82 -11.84 -13.16
C PRO A 284 -4.23 -10.60 -12.37
N LEU A 285 -4.94 -9.68 -13.03
CA LEU A 285 -5.45 -8.47 -12.39
C LEU A 285 -6.93 -8.67 -12.12
N GLN A 286 -7.35 -8.47 -10.87
CA GLN A 286 -8.73 -8.69 -10.47
C GLN A 286 -9.45 -7.34 -10.48
N VAL A 287 -10.64 -7.31 -11.09
CA VAL A 287 -11.40 -6.07 -11.26
C VAL A 287 -12.81 -6.27 -10.75
N ALA A 288 -13.33 -5.28 -10.03
CA ALA A 288 -14.75 -5.21 -9.66
C ALA A 288 -15.22 -3.79 -9.90
N ALA A 289 -16.33 -3.62 -10.62
CA ALA A 289 -16.80 -2.27 -10.95
C ALA A 289 -18.29 -2.13 -10.66
N VAL A 290 -18.69 -0.93 -10.26
CA VAL A 290 -20.10 -0.59 -10.03
C VAL A 290 -20.44 0.59 -10.92
N VAL A 291 -21.62 0.57 -11.52
CA VAL A 291 -22.08 1.65 -12.40
C VAL A 291 -23.33 2.25 -11.77
N SER A 292 -23.29 3.54 -11.45
CA SER A 292 -24.46 4.15 -10.81
C SER A 292 -24.65 5.58 -11.31
N PRO A 293 -25.89 5.98 -11.62
CA PRO A 293 -26.14 7.40 -11.92
C PRO A 293 -25.85 8.30 -10.75
N LYS A 294 -25.73 7.76 -9.53
CA LYS A 294 -25.43 8.59 -8.37
C LYS A 294 -23.96 9.01 -8.33
N PHE A 295 -23.08 8.33 -9.05
CA PHE A 295 -21.67 8.70 -9.03
C PHE A 295 -21.46 9.93 -9.93
N LYS A 296 -20.69 10.89 -9.43
CA LYS A 296 -20.53 12.18 -10.10
C LYS A 296 -19.31 12.26 -11.00
N LYS A 297 -18.34 11.36 -10.82
CA LYS A 297 -17.14 11.34 -11.64
C LYS A 297 -16.56 9.94 -11.58
N PHE A 298 -15.70 9.64 -12.53
CA PHE A 298 -15.00 8.35 -12.52
C PHE A 298 -14.08 8.30 -11.30
N GLU A 299 -14.07 7.15 -10.63
CA GLU A 299 -13.20 6.94 -9.49
C GLU A 299 -12.69 5.51 -9.54
N HIS A 300 -11.45 5.32 -9.11
CA HIS A 300 -10.87 3.98 -8.99
C HIS A 300 -10.13 3.85 -7.65
N VAL A 301 -10.02 2.61 -7.18
CA VAL A 301 -9.08 2.25 -6.13
C VAL A 301 -8.20 1.16 -6.72
N SER A 302 -6.89 1.40 -6.77
CA SER A 302 -5.94 0.47 -7.37
C SER A 302 -4.89 0.06 -6.35
N ILE A 303 -4.81 -1.23 -6.06
CA ILE A 303 -3.76 -1.78 -5.21
C ILE A 303 -2.87 -2.59 -6.13
N ILE A 304 -1.71 -2.04 -6.48
CA ILE A 304 -0.80 -2.64 -7.46
C ILE A 304 0.51 -2.91 -6.74
N ASN A 305 0.94 -4.17 -6.76
CA ASN A 305 2.19 -4.56 -6.08
C ASN A 305 2.15 -4.19 -4.59
N GLY A 306 0.97 -4.27 -3.98
CA GLY A 306 0.76 -3.97 -2.58
C GLY A 306 0.61 -2.51 -2.23
N VAL A 307 0.75 -1.62 -3.22
CA VAL A 307 0.78 -0.17 -3.03
C VAL A 307 -0.55 0.43 -3.47
N ASN A 308 -1.04 1.43 -2.73
CA ASN A 308 -2.24 2.15 -3.16
C ASN A 308 -1.80 3.19 -4.19
N CYS A 309 -2.16 2.93 -5.45
CA CYS A 309 -1.72 3.67 -6.63
C CYS A 309 -2.87 4.58 -7.08
N VAL A 310 -2.67 5.90 -7.04
CA VAL A 310 -3.80 6.76 -7.41
C VAL A 310 -3.87 7.11 -8.88
N LYS A 311 -2.84 6.79 -9.68
CA LYS A 311 -2.80 7.13 -11.09
C LYS A 311 -1.97 6.11 -11.84
N GLY A 312 -2.44 5.67 -13.00
CA GLY A 312 -1.59 4.84 -13.84
C GLY A 312 -2.27 4.43 -15.13
N GLU A 313 -1.45 3.99 -16.08
CA GLU A 313 -1.98 3.65 -17.40
C GLU A 313 -2.84 2.39 -17.37
N HIS A 314 -2.76 1.61 -16.29
CA HIS A 314 -3.67 0.48 -16.17
C HIS A 314 -5.12 0.95 -16.11
N VAL A 315 -5.35 2.09 -15.46
CA VAL A 315 -6.71 2.65 -15.39
C VAL A 315 -7.14 3.12 -16.76
N THR A 316 -6.25 3.85 -17.43
CA THR A 316 -6.55 4.38 -18.75
C THR A 316 -6.89 3.26 -19.73
N PHE A 317 -6.17 2.14 -19.64
CA PHE A 317 -6.44 0.98 -20.50
C PHE A 317 -7.88 0.52 -20.36
N LEU A 318 -8.35 0.41 -19.12
CA LEU A 318 -9.71 -0.02 -18.87
C LEU A 318 -10.72 1.01 -19.39
N LYS A 319 -10.47 2.29 -19.08
CA LYS A 319 -11.39 3.34 -19.50
C LYS A 319 -11.49 3.44 -21.02
N LYS A 320 -10.34 3.42 -21.70
CA LYS A 320 -10.37 3.52 -23.16
C LYS A 320 -11.09 2.34 -23.78
N THR A 321 -10.94 1.15 -23.20
CA THR A 321 -11.57 -0.04 -23.76
C THR A 321 -13.09 0.04 -23.60
N ILE A 322 -13.55 0.43 -22.41
CA ILE A 322 -14.99 0.58 -22.17
C ILE A 322 -15.57 1.66 -23.06
N ASN A 323 -14.88 2.81 -23.12
CA ASN A 323 -15.33 3.92 -23.96
C ASN A 323 -15.57 3.49 -25.41
N GLU A 324 -14.65 2.70 -25.96
CA GLU A 324 -14.80 2.23 -27.34
C GLU A 324 -16.12 1.49 -27.50
N MET A 325 -16.40 0.55 -26.60
CA MET A 325 -17.66 -0.18 -26.63
C MET A 325 -18.86 0.73 -26.42
N VAL A 326 -18.77 1.66 -25.48
CA VAL A 326 -19.92 2.52 -25.17
C VAL A 326 -20.29 3.37 -26.37
N ILE A 327 -19.29 3.92 -27.06
CA ILE A 327 -19.58 4.76 -28.23
C ILE A 327 -20.30 3.97 -29.30
N LYS A 328 -19.80 2.76 -29.60
CA LYS A 328 -20.45 1.91 -30.60
C LYS A 328 -21.89 1.60 -30.21
N LYS A 329 -22.11 1.12 -28.98
CA LYS A 329 -23.47 0.73 -28.57
C LYS A 329 -24.38 1.95 -28.40
N PHE A 330 -23.83 3.08 -27.96
CA PHE A 330 -24.65 4.29 -27.88
C PHE A 330 -25.07 4.77 -29.27
N GLN A 331 -24.17 4.68 -30.24
CA GLN A 331 -24.50 5.15 -31.59
C GLN A 331 -25.56 4.27 -32.23
N GLN A 332 -25.46 2.95 -32.04
CA GLN A 332 -26.47 2.05 -32.58
C GLN A 332 -27.83 2.32 -31.97
N THR A 333 -27.87 2.73 -30.70
CA THR A 333 -29.15 2.99 -30.03
C THR A 333 -29.76 4.31 -30.49
N ILE A 334 -29.00 5.40 -30.37
CA ILE A 334 -29.49 6.71 -30.77
C ILE A 334 -29.72 6.77 -32.28
C THR A 342 -16.19 10.23 -23.91
N LEU A 343 -14.89 10.26 -23.58
CA LEU A 343 -14.38 9.38 -22.53
C LEU A 343 -14.96 9.75 -21.18
N ARG A 344 -15.03 11.04 -20.90
CA ARG A 344 -15.63 11.52 -19.66
C ARG A 344 -17.10 11.10 -19.57
N ASP A 345 -17.84 11.22 -20.67
CA ASP A 345 -19.26 10.85 -20.62
C ASP A 345 -19.43 9.37 -20.40
N SER A 346 -18.56 8.55 -21.00
CA SER A 346 -18.68 7.10 -20.95
C SER A 346 -18.28 6.52 -19.61
N CYS A 347 -17.38 7.17 -18.87
CA CYS A 347 -16.84 6.61 -17.64
C CYS A 347 -17.23 7.36 -16.39
N SER A 348 -18.02 8.43 -16.49
CA SER A 348 -18.23 9.26 -15.31
C SER A 348 -19.15 8.62 -14.28
N ASN A 349 -19.83 7.52 -14.61
CA ASN A 349 -20.71 6.84 -13.67
C ASN A 349 -20.07 5.55 -13.14
N ILE A 350 -18.76 5.37 -13.33
CA ILE A 350 -18.07 4.12 -12.99
C ILE A 350 -17.30 4.32 -11.69
N PHE A 351 -17.39 3.35 -10.79
CA PHE A 351 -16.42 3.18 -9.72
C PHE A 351 -15.76 1.82 -9.92
N VAL A 352 -14.43 1.76 -9.91
CA VAL A 352 -13.80 0.47 -10.19
C VAL A 352 -12.65 0.19 -9.22
N VAL A 353 -12.57 -1.06 -8.76
CA VAL A 353 -11.44 -1.54 -7.95
C VAL A 353 -10.58 -2.47 -8.79
N ILE A 354 -9.27 -2.23 -8.81
CA ILE A 354 -8.29 -3.08 -9.52
C ILE A 354 -7.23 -3.50 -8.53
N VAL A 355 -7.00 -4.82 -8.39
CA VAL A 355 -6.01 -5.30 -7.45
C VAL A 355 -5.16 -6.36 -8.14
N GLY A 356 -3.83 -6.23 -8.06
CA GLY A 356 -3.00 -7.29 -8.58
C GLY A 356 -1.56 -6.84 -8.68
N SER A 357 -0.73 -7.70 -9.26
CA SER A 357 0.70 -7.39 -9.42
C SER A 357 0.94 -7.08 -10.89
N ILE A 358 1.85 -6.14 -11.17
CA ILE A 358 2.27 -5.85 -12.54
C ILE A 358 3.79 -5.85 -12.56
N PRO A 359 4.42 -6.74 -13.31
CA PRO A 359 5.88 -6.77 -13.34
C PRO A 359 6.46 -5.63 -14.16
N GLY A 360 7.61 -5.13 -13.70
CA GLY A 360 8.38 -4.16 -14.45
C GLY A 360 7.88 -2.74 -14.43
N ILE A 361 7.11 -2.36 -13.40
CA ILE A 361 6.67 -0.97 -13.33
C ILE A 361 7.73 -0.11 -12.67
N GLU A 362 7.64 1.19 -12.94
CA GLU A 362 8.43 2.21 -12.26
C GLU A 362 7.43 3.17 -11.66
N TRP A 363 7.94 4.17 -10.96
CA TRP A 363 7.10 5.12 -10.23
C TRP A 363 7.53 6.55 -10.54
N THR A 364 6.71 7.52 -10.12
CA THR A 364 7.09 8.90 -10.29
C THR A 364 7.78 9.47 -9.05
N GLY A 365 7.87 8.73 -7.96
CA GLY A 365 8.46 9.29 -6.74
C GLY A 365 8.54 8.23 -5.65
N GLN A 366 9.13 8.62 -4.54
CA GLN A 366 9.26 7.69 -3.41
C GLN A 366 7.91 7.23 -2.86
N ARG A 367 6.91 8.11 -2.86
CA ARG A 367 5.60 7.75 -2.33
C ARG A 367 4.87 6.70 -3.15
N LYS A 368 5.25 6.50 -4.40
CA LYS A 368 4.61 5.51 -5.28
C LYS A 368 3.12 5.81 -5.48
N ASP A 369 2.83 7.08 -5.76
CA ASP A 369 1.45 7.50 -6.01
C ASP A 369 1.03 7.22 -7.44
N GLU A 370 1.95 7.34 -8.39
CA GLU A 370 1.67 7.13 -9.80
C GLU A 370 2.62 6.07 -10.30
N LEU A 371 2.09 5.04 -10.94
CA LEU A 371 2.98 4.09 -11.58
C LEU A 371 3.28 4.55 -13.00
N SER A 372 4.46 4.15 -13.50
CA SER A 372 4.97 4.59 -14.79
C SER A 372 5.21 3.38 -15.66
N ILE A 373 4.66 3.39 -16.87
CA ILE A 373 4.70 2.23 -17.77
C ILE A 373 4.36 2.69 -19.18
N ALA A 374 4.82 1.92 -20.17
CA ALA A 374 4.32 2.12 -21.51
C ALA A 374 2.90 1.59 -21.64
N GLU A 375 2.01 2.40 -22.23
CA GLU A 375 0.63 1.98 -22.43
C GLU A 375 0.56 0.73 -23.29
N ASN A 376 1.55 0.54 -24.17
CA ASN A 376 1.57 -0.65 -25.02
C ASN A 376 1.72 -1.95 -24.25
N VAL A 377 2.17 -1.90 -22.99
CA VAL A 377 2.21 -3.14 -22.21
C VAL A 377 0.81 -3.77 -22.18
N PHE A 378 -0.21 -2.96 -21.92
CA PHE A 378 -1.56 -3.50 -21.87
C PHE A 378 -2.08 -3.84 -23.26
N LYS A 379 -1.82 -3.00 -24.26
CA LYS A 379 -2.26 -3.30 -25.63
C LYS A 379 -1.66 -4.61 -26.11
N THR A 380 -0.36 -4.83 -25.86
CA THR A 380 0.30 -6.03 -26.35
C THR A 380 -0.12 -7.26 -25.56
N HIS A 381 -0.13 -7.16 -24.23
CA HIS A 381 -0.12 -8.35 -23.39
C HIS A 381 -1.43 -8.72 -22.75
N TYR A 382 -2.31 -7.78 -22.43
CA TYR A 382 -3.45 -8.08 -21.57
C TYR A 382 -4.75 -8.04 -22.37
N SER A 383 -5.73 -8.82 -21.92
CA SER A 383 -7.03 -8.89 -22.56
C SER A 383 -8.12 -8.71 -21.51
N ILE A 384 -9.07 -7.81 -21.78
CA ILE A 384 -10.20 -7.59 -20.88
C ILE A 384 -11.35 -8.48 -21.35
N PRO A 385 -11.93 -9.33 -20.48
CA PRO A 385 -12.96 -10.26 -20.92
C PRO A 385 -14.18 -9.55 -21.52
N SER A 386 -14.65 -10.10 -22.62
CA SER A 386 -15.77 -9.51 -23.34
C SER A 386 -17.04 -9.50 -22.49
N SER A 387 -17.27 -10.52 -21.65
CA SER A 387 -18.52 -10.51 -20.87
C SER A 387 -18.57 -9.32 -19.93
N PHE A 388 -17.41 -8.93 -19.37
CA PHE A 388 -17.36 -7.78 -18.48
C PHE A 388 -17.60 -6.48 -19.25
N LEU A 389 -16.97 -6.35 -20.43
CA LEU A 389 -17.17 -5.16 -21.24
C LEU A 389 -18.62 -5.02 -21.67
N THR A 390 -19.24 -6.11 -22.12
CA THR A 390 -20.62 -6.08 -22.58
C THR A 390 -21.57 -5.69 -21.45
N SER A 391 -21.39 -6.30 -20.28
CA SER A 391 -22.26 -5.99 -19.17
C SER A 391 -22.07 -4.55 -18.69
N MET A 392 -20.82 -4.08 -18.60
CA MET A 392 -20.58 -2.67 -18.25
C MET A 392 -21.21 -1.73 -19.26
N THR A 393 -21.05 -2.03 -20.54
CA THR A 393 -21.56 -1.15 -21.58
C THR A 393 -23.08 -1.04 -21.52
N ARG A 394 -23.77 -2.18 -21.34
CA ARG A 394 -25.22 -2.14 -21.16
C ARG A 394 -25.64 -1.20 -20.04
N SER A 395 -24.98 -1.28 -18.88
CA SER A 395 -25.36 -0.43 -17.75
C SER A 395 -25.06 1.03 -18.02
N ILE A 396 -23.94 1.32 -18.68
CA ILE A 396 -23.57 2.71 -18.91
C ILE A 396 -24.50 3.34 -19.94
N VAL A 397 -24.82 2.61 -21.00
CA VAL A 397 -25.67 3.16 -22.05
C VAL A 397 -27.09 3.41 -21.54
N ASP A 398 -27.58 2.58 -20.62
CA ASP A 398 -28.89 2.85 -20.04
C ASP A 398 -28.92 4.17 -19.29
N ILE A 399 -27.90 4.45 -18.47
CA ILE A 399 -27.82 5.74 -17.81
C ILE A 399 -27.77 6.87 -18.83
N LEU A 400 -27.00 6.69 -19.91
CA LEU A 400 -26.89 7.74 -20.92
C LEU A 400 -28.22 7.95 -21.63
N LEU A 401 -28.95 6.88 -21.91
CA LEU A 401 -30.23 7.01 -22.61
C LEU A 401 -31.29 7.66 -21.72
N GLN A 402 -31.15 7.54 -20.39
CA GLN A 402 -32.04 8.25 -19.48
C GLN A 402 -31.87 9.76 -19.64
N SER A 403 -30.66 10.27 -19.41
CA SER A 403 -30.36 11.70 -19.53
C SER A 403 -30.93 12.30 -20.81
N ILE A 404 -30.72 11.61 -21.93
CA ILE A 404 -31.35 11.99 -23.20
C ILE A 404 -32.86 11.97 -23.05
PB ADP B . 12.81 -1.76 0.62
O1B ADP B . 13.66 -2.92 0.23
O2B ADP B . 12.92 -0.69 -0.41
O3B ADP B . 11.41 -2.10 1.01
PA ADP B . 12.98 -0.80 3.39
O1A ADP B . 11.51 -0.57 3.34
O2A ADP B . 13.90 0.25 3.96
O3A ADP B . 13.53 -1.12 1.91
O5' ADP B . 13.25 -2.18 4.16
C5' ADP B . 14.64 -2.58 4.24
C4' ADP B . 14.78 -4.09 4.16
O4' ADP B . 14.38 -4.70 5.38
C3' ADP B . 13.89 -4.71 3.09
O3' ADP B . 14.57 -4.73 1.84
C2' ADP B . 13.64 -6.12 3.62
O2' ADP B . 14.73 -6.97 3.23
C1' ADP B . 13.73 -5.94 5.13
N9 ADP B . 12.39 -5.85 5.75
C8 ADP B . 11.73 -4.72 6.09
N7 ADP B . 10.53 -4.99 6.68
C5 ADP B . 10.46 -6.34 6.75
C6 ADP B . 9.44 -7.28 7.25
N6 ADP B . 8.29 -6.83 7.81
N1 ADP B . 9.74 -8.58 7.13
C2 ADP B . 10.88 -9.04 6.58
N3 ADP B . 11.85 -8.24 6.09
C4 ADP B . 11.67 -6.90 6.14
P PO4 C . 10.85 1.66 -0.06
O1 PO4 C . 10.82 1.54 -1.56
O2 PO4 C . 12.31 1.74 0.35
O3 PO4 C . 10.22 0.55 0.70
O4 PO4 C . 10.23 2.98 0.40
MG MG D . 10.00 -0.94 1.93
#